data_12GS
#
_entry.id   12GS
#
_cell.length_a   77.912
_cell.length_b   89.427
_cell.length_c   68.945
_cell.angle_alpha   90.00
_cell.angle_beta   97.47
_cell.angle_gamma   90.00
#
_symmetry.space_group_name_H-M   'C 1 2 1'
#
loop_
_entity.id
_entity.type
_entity.pdbx_description
1 polymer 'GLUTATHIONE S-TRANSFERASE'
2 non-polymer L-gamma-glutamyl-S-nonyl-L-cysteinylglycine
3 non-polymer '2-(N-MORPHOLINO)-ETHANESULFONIC ACID'
4 water water
#
_entity_poly.entity_id   1
_entity_poly.type   'polypeptide(L)'
_entity_poly.pdbx_seq_one_letter_code
;MPPYTVVYFPVRGRCAALRMLLADQGQSWKEEVVTVETWQEGSLKASCLYGQLPKFQDGDLTLYQSNTILRHLGRTLGLY
GKDQQEAALVDMVNDGVEDLRCKYISLIYTNYEAGKDDYVKALPGQLKPFETLLSQNQGGKTFIVGDQISFADYNLLDLL
LIHEVLAPGCLDAFPLLSAYVGRLSARPKLKAFLASPEYVNLPINGNGKQ
;
_entity_poly.pdbx_strand_id   A,B
#
# COMPACT_ATOMS: atom_id res chain seq x y z
N PRO A 3 13.32 -18.08 -13.06
CA PRO A 3 13.86 -16.73 -12.80
C PRO A 3 12.72 -15.73 -12.69
N TYR A 4 12.94 -14.52 -13.19
CA TYR A 4 11.93 -13.47 -13.10
C TYR A 4 11.18 -13.18 -14.39
N THR A 5 9.87 -13.02 -14.26
CA THR A 5 9.02 -12.69 -15.40
C THR A 5 7.98 -11.64 -14.97
N VAL A 6 7.90 -10.53 -15.71
CA VAL A 6 6.90 -9.53 -15.40
C VAL A 6 5.89 -9.53 -16.54
N VAL A 7 4.61 -9.64 -16.19
CA VAL A 7 3.53 -9.66 -17.17
C VAL A 7 2.80 -8.33 -17.06
N TYR A 8 2.78 -7.57 -18.15
CA TYR A 8 2.16 -6.26 -18.11
C TYR A 8 1.83 -5.71 -19.50
N PHE A 9 1.09 -4.61 -19.52
CA PHE A 9 0.73 -3.96 -20.76
C PHE A 9 2.00 -3.22 -21.19
N PRO A 10 2.06 -2.81 -22.47
CA PRO A 10 3.26 -2.11 -22.94
C PRO A 10 3.30 -0.65 -22.47
N VAL A 11 3.51 -0.45 -21.18
CA VAL A 11 3.61 0.90 -20.60
C VAL A 11 4.57 0.79 -19.44
N ARG A 12 5.04 1.93 -18.95
CA ARG A 12 5.96 1.94 -17.80
C ARG A 12 5.10 1.75 -16.54
N GLY A 13 4.09 2.61 -16.40
CA GLY A 13 3.18 2.55 -15.27
C GLY A 13 3.71 2.01 -13.95
N ARG A 14 3.00 1.04 -13.38
CA ARG A 14 3.39 0.46 -12.11
C ARG A 14 4.51 -0.56 -12.17
N CYS A 15 5.14 -0.72 -13.35
CA CYS A 15 6.24 -1.67 -13.48
C CYS A 15 7.59 -0.99 -13.62
N ALA A 16 7.58 0.32 -13.83
CA ALA A 16 8.81 1.10 -14.00
C ALA A 16 9.79 0.98 -12.83
N ALA A 17 9.28 1.16 -11.61
CA ALA A 17 10.13 1.09 -10.42
C ALA A 17 10.79 -0.26 -10.23
N LEU A 18 10.00 -1.33 -10.32
CA LEU A 18 10.55 -2.68 -10.15
C LEU A 18 11.53 -3.04 -11.27
N ARG A 19 11.30 -2.48 -12.46
CA ARG A 19 12.20 -2.75 -13.60
C ARG A 19 13.54 -2.06 -13.34
N MET A 20 13.49 -0.84 -12.82
CA MET A 20 14.70 -0.08 -12.50
C MET A 20 15.48 -0.86 -11.45
N LEU A 21 14.75 -1.39 -10.47
CA LEU A 21 15.34 -2.16 -9.39
C LEU A 21 16.12 -3.37 -9.93
N LEU A 22 15.45 -4.18 -10.74
CA LEU A 22 16.06 -5.38 -11.32
C LEU A 22 17.27 -5.02 -12.17
N ALA A 23 17.13 -3.99 -13.00
CA ALA A 23 18.23 -3.57 -13.86
C ALA A 23 19.42 -3.07 -13.05
N ASP A 24 19.16 -2.19 -12.09
CA ASP A 24 20.22 -1.64 -11.25
C ASP A 24 20.90 -2.70 -10.40
N GLN A 25 20.16 -3.74 -10.02
CA GLN A 25 20.71 -4.80 -9.19
C GLN A 25 21.36 -5.90 -10.04
N GLY A 26 21.40 -5.70 -11.34
CA GLY A 26 22.02 -6.66 -12.23
C GLY A 26 21.27 -7.95 -12.41
N GLN A 27 19.96 -7.92 -12.20
CA GLN A 27 19.13 -9.10 -12.34
C GLN A 27 18.58 -9.23 -13.75
N SER A 28 18.34 -10.46 -14.18
CA SER A 28 17.79 -10.72 -15.51
C SER A 28 16.33 -11.12 -15.36
N TRP A 29 15.50 -10.68 -16.30
CA TRP A 29 14.10 -11.02 -16.25
C TRP A 29 13.50 -11.03 -17.64
N LYS A 30 12.34 -11.66 -17.78
CA LYS A 30 11.66 -11.74 -19.06
C LYS A 30 10.42 -10.85 -19.02
N GLU A 31 10.14 -10.18 -20.13
CA GLU A 31 8.98 -9.32 -20.21
C GLU A 31 7.94 -10.03 -21.05
N GLU A 32 6.75 -10.21 -20.49
CA GLU A 32 5.66 -10.84 -21.21
C GLU A 32 4.67 -9.72 -21.45
N VAL A 33 4.64 -9.22 -22.68
CA VAL A 33 3.78 -8.10 -23.03
C VAL A 33 2.36 -8.54 -23.36
N VAL A 34 1.40 -7.91 -22.69
CA VAL A 34 0.00 -8.22 -22.90
C VAL A 34 -0.63 -7.05 -23.66
N THR A 35 -1.21 -7.35 -24.82
CA THR A 35 -1.85 -6.35 -25.64
C THR A 35 -3.29 -6.14 -25.20
N VAL A 36 -3.83 -4.96 -25.49
CA VAL A 36 -5.20 -4.62 -25.12
C VAL A 36 -6.18 -5.64 -25.67
N GLU A 37 -5.88 -6.20 -26.84
CA GLU A 37 -6.75 -7.18 -27.47
C GLU A 37 -6.75 -8.48 -26.67
N THR A 38 -5.56 -8.97 -26.36
CA THR A 38 -5.42 -10.19 -25.59
C THR A 38 -6.16 -10.05 -24.26
N TRP A 39 -6.02 -8.89 -23.64
CA TRP A 39 -6.67 -8.64 -22.36
C TRP A 39 -8.18 -8.70 -22.51
N GLN A 40 -8.70 -7.96 -23.48
CA GLN A 40 -10.13 -7.91 -23.74
C GLN A 40 -10.71 -9.28 -24.06
N GLU A 41 -9.85 -10.25 -24.31
CA GLU A 41 -10.30 -11.61 -24.59
C GLU A 41 -10.89 -12.19 -23.30
N GLY A 42 -10.36 -11.72 -22.16
CA GLY A 42 -10.87 -12.14 -20.87
C GLY A 42 -10.22 -13.27 -20.10
N SER A 43 -9.63 -14.24 -20.80
CA SER A 43 -9.03 -15.38 -20.13
C SER A 43 -7.89 -15.06 -19.16
N LEU A 44 -6.93 -14.22 -19.57
CA LEU A 44 -5.83 -13.87 -18.67
C LEU A 44 -6.38 -13.14 -17.44
N LYS A 45 -7.19 -12.13 -17.67
CA LYS A 45 -7.77 -11.32 -16.61
C LYS A 45 -8.51 -12.16 -15.56
N ALA A 46 -9.28 -13.14 -16.03
CA ALA A 46 -10.03 -14.00 -15.12
C ALA A 46 -9.12 -14.84 -14.24
N SER A 47 -7.90 -15.09 -14.71
CA SER A 47 -6.93 -15.90 -13.98
C SER A 47 -6.10 -15.08 -13.00
N CYS A 48 -6.17 -13.75 -13.12
CA CYS A 48 -5.43 -12.86 -12.23
C CYS A 48 -6.19 -12.73 -10.91
N LEU A 49 -5.48 -12.86 -9.78
CA LEU A 49 -6.11 -12.77 -8.45
C LEU A 49 -7.10 -11.62 -8.29
N TYR A 50 -6.66 -10.41 -8.62
CA TYR A 50 -7.53 -9.24 -8.50
C TYR A 50 -7.98 -8.71 -9.85
N GLY A 51 -7.91 -9.58 -10.87
CA GLY A 51 -8.32 -9.19 -12.21
C GLY A 51 -7.52 -8.09 -12.86
N GLN A 52 -6.28 -7.93 -12.43
CA GLN A 52 -5.41 -6.88 -12.97
C GLN A 52 -3.95 -7.28 -13.11
N LEU A 53 -3.20 -6.41 -13.78
CA LEU A 53 -1.77 -6.59 -14.00
C LEU A 53 -1.14 -5.41 -13.27
N PRO A 54 0.16 -5.48 -12.99
CA PRO A 54 1.08 -6.57 -13.31
C PRO A 54 0.94 -7.88 -12.56
N LYS A 55 1.46 -8.92 -13.20
CA LYS A 55 1.51 -10.26 -12.66
C LYS A 55 3.03 -10.50 -12.68
N PHE A 56 3.55 -11.15 -11.65
CA PHE A 56 4.99 -11.39 -11.57
C PHE A 56 5.29 -12.84 -11.22
N GLN A 57 6.34 -13.39 -11.81
CA GLN A 57 6.71 -14.77 -11.53
C GLN A 57 8.16 -14.88 -11.12
N ASP A 58 8.38 -15.57 -10.00
CA ASP A 58 9.71 -15.82 -9.46
C ASP A 58 9.70 -17.33 -9.27
N GLY A 59 10.10 -18.06 -10.30
CA GLY A 59 10.06 -19.50 -10.21
C GLY A 59 8.57 -19.80 -10.27
N ASP A 60 8.08 -20.72 -9.45
CA ASP A 60 6.66 -21.05 -9.44
C ASP A 60 5.82 -20.15 -8.51
N LEU A 61 6.46 -19.12 -7.93
CA LEU A 61 5.77 -18.19 -7.05
C LEU A 61 5.15 -17.12 -7.95
N THR A 62 3.82 -17.04 -7.98
CA THR A 62 3.13 -16.04 -8.79
C THR A 62 2.60 -14.91 -7.93
N LEU A 63 2.98 -13.69 -8.28
CA LEU A 63 2.57 -12.53 -7.49
C LEU A 63 1.75 -11.53 -8.27
N TYR A 64 0.92 -10.79 -7.55
CA TYR A 64 0.10 -9.74 -8.11
C TYR A 64 0.36 -8.56 -7.17
N GLN A 65 0.01 -7.35 -7.60
CA GLN A 65 0.20 -6.13 -6.81
C GLN A 65 1.63 -5.60 -6.90
N SER A 66 1.79 -4.48 -7.59
CA SER A 66 3.10 -3.86 -7.80
C SER A 66 3.96 -3.66 -6.57
N ASN A 67 3.36 -3.28 -5.44
CA ASN A 67 4.13 -3.07 -4.21
C ASN A 67 4.53 -4.38 -3.53
N THR A 68 3.82 -5.46 -3.84
CA THR A 68 4.15 -6.76 -3.28
C THR A 68 5.42 -7.23 -4.00
N ILE A 69 5.46 -7.01 -5.31
CA ILE A 69 6.61 -7.39 -6.12
C ILE A 69 7.85 -6.60 -5.66
N LEU A 70 7.65 -5.32 -5.35
CA LEU A 70 8.75 -4.47 -4.90
C LEU A 70 9.26 -4.94 -3.54
N ARG A 71 8.36 -5.24 -2.63
CA ARG A 71 8.76 -5.71 -1.31
C ARG A 71 9.40 -7.09 -1.38
N HIS A 72 8.92 -7.93 -2.29
CA HIS A 72 9.47 -9.27 -2.45
C HIS A 72 10.91 -9.17 -2.93
N LEU A 73 11.13 -8.37 -3.96
CA LEU A 73 12.46 -8.17 -4.51
C LEU A 73 13.34 -7.48 -3.45
N GLY A 74 12.76 -6.54 -2.69
CA GLY A 74 13.54 -5.87 -1.66
C GLY A 74 13.97 -6.82 -0.57
N ARG A 75 13.06 -7.73 -0.19
CA ARG A 75 13.34 -8.72 0.85
C ARG A 75 14.42 -9.70 0.37
N THR A 76 14.20 -10.29 -0.80
CA THR A 76 15.13 -11.28 -1.35
C THR A 76 16.49 -10.74 -1.76
N LEU A 77 16.53 -9.51 -2.25
CA LEU A 77 17.78 -8.91 -2.71
C LEU A 77 18.50 -8.02 -1.70
N GLY A 78 17.98 -7.91 -0.49
CA GLY A 78 18.62 -7.08 0.53
C GLY A 78 18.45 -5.58 0.37
N LEU A 79 17.29 -5.16 -0.14
CA LEU A 79 17.01 -3.73 -0.32
C LEU A 79 15.80 -3.36 0.54
N TYR A 80 15.85 -3.72 1.82
CA TYR A 80 14.76 -3.47 2.75
C TYR A 80 15.27 -2.97 4.10
N GLY A 81 16.29 -2.12 4.10
CA GLY A 81 16.84 -1.60 5.34
C GLY A 81 17.79 -2.56 6.03
N LYS A 82 18.58 -2.05 6.97
CA LYS A 82 19.54 -2.89 7.68
C LYS A 82 18.97 -3.59 8.91
N ASP A 83 17.86 -3.06 9.44
CA ASP A 83 17.22 -3.66 10.60
C ASP A 83 15.73 -3.38 10.54
N GLN A 84 15.00 -3.82 11.56
CA GLN A 84 13.56 -3.65 11.62
C GLN A 84 13.12 -2.19 11.64
N GLN A 85 13.90 -1.35 12.30
CA GLN A 85 13.58 0.06 12.38
C GLN A 85 13.67 0.70 10.99
N GLU A 86 14.73 0.36 10.24
CA GLU A 86 14.90 0.91 8.89
C GLU A 86 13.84 0.34 7.97
N ALA A 87 13.51 -0.95 8.17
CA ALA A 87 12.50 -1.60 7.36
C ALA A 87 11.16 -0.84 7.49
N ALA A 88 10.85 -0.40 8.70
CA ALA A 88 9.60 0.34 8.92
C ALA A 88 9.64 1.71 8.24
N LEU A 89 10.80 2.35 8.27
CA LEU A 89 10.94 3.66 7.64
C LEU A 89 10.83 3.53 6.12
N VAL A 90 11.30 2.40 5.60
CA VAL A 90 11.24 2.14 4.17
C VAL A 90 9.79 1.97 3.76
N ASP A 91 9.03 1.30 4.61
CA ASP A 91 7.61 1.10 4.36
C ASP A 91 6.89 2.45 4.39
N MET A 92 7.23 3.26 5.39
CA MET A 92 6.62 4.58 5.53
C MET A 92 6.84 5.42 4.27
N VAL A 93 8.03 5.31 3.70
CA VAL A 93 8.34 6.04 2.48
C VAL A 93 7.52 5.48 1.32
N ASN A 94 7.56 4.17 1.13
CA ASN A 94 6.82 3.54 0.04
C ASN A 94 5.31 3.77 0.11
N ASP A 95 4.75 3.77 1.31
CA ASP A 95 3.31 3.97 1.45
C ASP A 95 2.98 5.41 1.04
N GLY A 96 3.89 6.33 1.33
CA GLY A 96 3.70 7.70 0.95
C GLY A 96 3.81 7.83 -0.56
N VAL A 97 4.77 7.11 -1.14
CA VAL A 97 4.96 7.13 -2.59
C VAL A 97 3.70 6.58 -3.25
N GLU A 98 3.16 5.50 -2.69
CA GLU A 98 1.96 4.89 -3.24
C GLU A 98 0.77 5.86 -3.20
N ASP A 99 0.62 6.56 -2.09
CA ASP A 99 -0.47 7.52 -1.93
C ASP A 99 -0.48 8.56 -3.05
N LEU A 100 0.69 9.13 -3.33
CA LEU A 100 0.78 10.14 -4.37
C LEU A 100 0.64 9.51 -5.77
N ARG A 101 1.13 8.29 -5.93
CA ARG A 101 1.02 7.63 -7.22
C ARG A 101 -0.45 7.43 -7.57
N CYS A 102 -1.25 7.12 -6.56
CA CYS A 102 -2.68 6.89 -6.78
C CYS A 102 -3.36 8.17 -7.25
N LYS A 103 -2.93 9.30 -6.72
CA LYS A 103 -3.50 10.59 -7.11
C LYS A 103 -3.05 10.91 -8.52
N TYR A 104 -1.79 10.60 -8.82
CA TYR A 104 -1.24 10.84 -10.15
C TYR A 104 -2.02 10.00 -11.15
N ILE A 105 -2.21 8.73 -10.82
CA ILE A 105 -2.94 7.82 -11.70
C ILE A 105 -4.38 8.29 -11.89
N SER A 106 -5.01 8.75 -10.82
CA SER A 106 -6.39 9.22 -10.93
C SER A 106 -6.47 10.43 -11.87
N LEU A 107 -5.53 11.35 -11.75
CA LEU A 107 -5.52 12.54 -12.61
C LEU A 107 -5.32 12.15 -14.08
N ILE A 108 -4.30 11.36 -14.33
CA ILE A 108 -3.97 10.94 -15.69
C ILE A 108 -5.11 10.22 -16.42
N TYR A 109 -5.74 9.24 -15.75
CA TYR A 109 -6.81 8.46 -16.36
C TYR A 109 -8.24 8.94 -16.09
N THR A 110 -8.44 9.75 -15.05
CA THR A 110 -9.79 10.19 -14.67
C THR A 110 -10.24 11.61 -15.00
N ASN A 111 -9.31 12.56 -14.98
CA ASN A 111 -9.65 13.94 -15.31
C ASN A 111 -8.41 14.81 -15.48
N TYR A 112 -7.60 14.45 -16.47
CA TYR A 112 -6.38 15.19 -16.77
C TYR A 112 -6.63 16.65 -17.09
N GLU A 113 -7.46 16.91 -18.10
CA GLU A 113 -7.76 18.27 -18.53
C GLU A 113 -8.29 19.21 -17.43
N ALA A 114 -9.33 18.78 -16.72
CA ALA A 114 -9.92 19.60 -15.67
C ALA A 114 -9.18 19.63 -14.33
N GLY A 115 -8.46 18.55 -14.02
CA GLY A 115 -7.75 18.50 -12.75
C GLY A 115 -6.28 18.87 -12.68
N LYS A 116 -5.62 18.95 -13.83
CA LYS A 116 -4.19 19.25 -13.86
C LYS A 116 -3.74 20.50 -13.12
N ASP A 117 -4.42 21.63 -13.33
CA ASP A 117 -4.04 22.87 -12.67
C ASP A 117 -4.06 22.75 -11.13
N ASP A 118 -5.13 22.15 -10.60
CA ASP A 118 -5.25 21.97 -9.17
C ASP A 118 -4.20 21.01 -8.65
N TYR A 119 -3.96 19.96 -9.41
CA TYR A 119 -2.98 18.96 -9.03
C TYR A 119 -1.58 19.55 -8.93
N VAL A 120 -1.19 20.32 -9.93
CA VAL A 120 0.13 20.94 -9.95
C VAL A 120 0.29 21.98 -8.85
N LYS A 121 -0.79 22.68 -8.51
CA LYS A 121 -0.73 23.68 -7.45
C LYS A 121 -0.47 23.01 -6.11
N ALA A 122 -1.06 21.82 -5.93
CA ALA A 122 -0.92 21.05 -4.69
C ALA A 122 0.34 20.20 -4.62
N LEU A 123 1.04 20.05 -5.74
CA LEU A 123 2.25 19.24 -5.83
C LEU A 123 3.36 19.56 -4.83
N PRO A 124 3.76 20.84 -4.74
CA PRO A 124 4.82 21.15 -3.78
C PRO A 124 4.58 20.54 -2.40
N GLY A 125 3.36 20.70 -1.90
CA GLY A 125 3.03 20.17 -0.58
C GLY A 125 3.10 18.66 -0.53
N GLN A 126 2.87 18.02 -1.67
CA GLN A 126 2.92 16.57 -1.78
C GLN A 126 4.35 16.03 -1.86
N LEU A 127 5.27 16.85 -2.33
CA LEU A 127 6.67 16.46 -2.48
C LEU A 127 7.50 16.82 -1.25
N LYS A 128 7.04 17.82 -0.51
CA LYS A 128 7.76 18.28 0.67
C LYS A 128 8.17 17.17 1.64
N PRO A 129 7.28 16.21 1.91
CA PRO A 129 7.63 15.13 2.83
C PRO A 129 8.91 14.35 2.48
N PHE A 130 9.12 14.10 1.20
CA PHE A 130 10.28 13.35 0.74
C PHE A 130 11.56 14.16 0.86
N GLU A 131 11.44 15.47 0.69
CA GLU A 131 12.58 16.37 0.82
C GLU A 131 12.98 16.36 2.30
N THR A 132 11.97 16.44 3.16
CA THR A 132 12.18 16.43 4.60
C THR A 132 12.83 15.12 5.03
N LEU A 133 12.33 14.01 4.51
CA LEU A 133 12.89 12.70 4.82
C LEU A 133 14.39 12.70 4.46
N LEU A 134 14.70 13.24 3.28
CA LEU A 134 16.07 13.35 2.79
C LEU A 134 16.91 14.23 3.74
N SER A 135 16.35 15.37 4.14
CA SER A 135 17.06 16.28 5.02
C SER A 135 17.40 15.68 6.40
N GLN A 136 16.71 14.62 6.79
CA GLN A 136 16.96 14.00 8.09
C GLN A 136 17.84 12.76 8.02
N ASN A 137 18.28 12.41 6.82
CA ASN A 137 19.14 11.25 6.65
C ASN A 137 20.47 11.62 5.99
N GLN A 138 21.46 11.94 6.81
CA GLN A 138 22.79 12.31 6.32
C GLN A 138 22.76 13.48 5.34
N GLY A 139 21.95 14.48 5.66
CA GLY A 139 21.86 15.66 4.81
C GLY A 139 21.32 15.40 3.41
N GLY A 140 20.73 14.22 3.22
CA GLY A 140 20.18 13.87 1.91
C GLY A 140 21.25 13.51 0.89
N LYS A 141 22.41 13.08 1.40
CA LYS A 141 23.54 12.74 0.53
C LYS A 141 23.57 11.29 0.09
N THR A 142 22.74 10.44 0.69
CA THR A 142 22.73 9.03 0.31
C THR A 142 21.40 8.55 -0.26
N PHE A 143 20.64 7.83 0.54
CA PHE A 143 19.36 7.32 0.08
C PHE A 143 18.20 7.84 0.92
N ILE A 144 16.97 7.45 0.56
CA ILE A 144 15.83 7.93 1.30
C ILE A 144 15.82 7.41 2.75
N VAL A 145 16.33 6.20 2.95
CA VAL A 145 16.41 5.63 4.29
C VAL A 145 17.75 4.90 4.45
N GLY A 146 18.47 5.24 5.52
CA GLY A 146 19.75 4.61 5.79
C GLY A 146 20.82 4.96 4.78
N ASP A 147 21.89 4.17 4.75
CA ASP A 147 22.99 4.43 3.83
C ASP A 147 23.10 3.40 2.71
N GLN A 148 22.05 2.60 2.53
CA GLN A 148 22.02 1.59 1.48
C GLN A 148 20.70 1.76 0.72
N ILE A 149 20.71 1.47 -0.57
CA ILE A 149 19.50 1.61 -1.38
C ILE A 149 18.42 0.61 -0.96
N SER A 150 17.16 0.98 -1.18
CA SER A 150 16.03 0.13 -0.82
C SER A 150 15.01 0.19 -1.94
N PHE A 151 14.05 -0.72 -1.93
CA PHE A 151 13.03 -0.74 -2.97
C PHE A 151 12.24 0.58 -3.03
N ALA A 152 12.11 1.24 -1.89
CA ALA A 152 11.39 2.52 -1.82
C ALA A 152 12.13 3.62 -2.61
N ASP A 153 13.43 3.47 -2.77
CA ASP A 153 14.24 4.43 -3.53
C ASP A 153 13.84 4.39 -5.01
N TYR A 154 13.74 3.18 -5.55
CA TYR A 154 13.37 3.02 -6.93
C TYR A 154 11.96 3.50 -7.16
N ASN A 155 11.06 3.22 -6.22
CA ASN A 155 9.68 3.66 -6.36
C ASN A 155 9.57 5.19 -6.26
N LEU A 156 10.29 5.79 -5.30
CA LEU A 156 10.26 7.25 -5.17
C LEU A 156 10.91 7.91 -6.39
N LEU A 157 12.01 7.34 -6.88
CA LEU A 157 12.70 7.89 -8.04
C LEU A 157 11.75 7.94 -9.22
N ASP A 158 11.01 6.87 -9.45
CA ASP A 158 10.06 6.85 -10.56
C ASP A 158 9.01 7.92 -10.35
N LEU A 159 8.49 8.00 -9.13
CA LEU A 159 7.48 9.00 -8.82
C LEU A 159 7.98 10.41 -9.20
N LEU A 160 9.20 10.71 -8.81
CA LEU A 160 9.81 12.01 -9.11
C LEU A 160 10.03 12.21 -10.62
N LEU A 161 10.50 11.17 -11.30
CA LEU A 161 10.73 11.27 -12.73
C LEU A 161 9.46 11.60 -13.48
N ILE A 162 8.39 10.84 -13.24
CA ILE A 162 7.13 11.09 -13.96
C ILE A 162 6.50 12.44 -13.62
N HIS A 163 6.80 12.97 -12.43
CA HIS A 163 6.21 14.25 -12.07
C HIS A 163 6.92 15.40 -12.74
N GLU A 164 8.20 15.22 -13.08
CA GLU A 164 8.95 16.26 -13.77
C GLU A 164 8.50 16.32 -15.23
N VAL A 165 7.85 15.25 -15.70
CA VAL A 165 7.33 15.25 -17.07
C VAL A 165 5.96 15.95 -17.00
N LEU A 166 5.22 15.66 -15.93
CA LEU A 166 3.90 16.26 -15.75
C LEU A 166 3.98 17.75 -15.43
N ALA A 167 4.92 18.08 -14.54
CA ALA A 167 5.11 19.46 -14.11
C ALA A 167 6.59 19.82 -14.19
N PRO A 168 7.08 20.10 -15.41
CA PRO A 168 8.49 20.45 -15.57
C PRO A 168 8.99 21.50 -14.57
N GLY A 169 10.05 21.15 -13.84
CA GLY A 169 10.65 22.07 -12.87
C GLY A 169 10.14 21.96 -11.45
N CYS A 170 9.24 21.00 -11.18
CA CYS A 170 8.67 20.84 -9.86
C CYS A 170 9.71 20.55 -8.78
N LEU A 171 10.87 20.06 -9.18
CA LEU A 171 11.91 19.74 -8.22
C LEU A 171 12.84 20.93 -7.92
N ASP A 172 12.61 22.03 -8.64
CA ASP A 172 13.39 23.28 -8.46
C ASP A 172 13.23 23.81 -7.06
N ALA A 173 12.06 23.52 -6.47
CA ALA A 173 11.72 23.94 -5.12
C ALA A 173 12.34 23.04 -4.07
N PHE A 174 12.85 21.89 -4.50
CA PHE A 174 13.42 20.91 -3.59
C PHE A 174 14.81 20.46 -4.01
N PRO A 175 15.85 21.12 -3.47
CA PRO A 175 17.26 20.81 -3.77
C PRO A 175 17.76 19.39 -3.47
N LEU A 176 17.35 18.82 -2.34
CA LEU A 176 17.77 17.47 -1.96
C LEU A 176 17.18 16.46 -2.93
N LEU A 177 15.90 16.62 -3.24
CA LEU A 177 15.21 15.71 -4.17
C LEU A 177 15.83 15.82 -5.55
N SER A 178 16.17 17.06 -5.93
CA SER A 178 16.79 17.33 -7.23
C SER A 178 18.10 16.56 -7.37
N ALA A 179 19.01 16.72 -6.42
CA ALA A 179 20.31 16.05 -6.45
C ALA A 179 20.15 14.52 -6.34
N TYR A 180 19.14 14.10 -5.59
CA TYR A 180 18.87 12.68 -5.38
C TYR A 180 18.50 12.02 -6.72
N VAL A 181 17.68 12.70 -7.51
CA VAL A 181 17.27 12.17 -8.80
C VAL A 181 18.49 12.04 -9.71
N GLY A 182 19.29 13.09 -9.76
CA GLY A 182 20.49 13.10 -10.58
C GLY A 182 21.48 12.03 -10.15
N ARG A 183 21.65 11.90 -8.84
CA ARG A 183 22.58 10.92 -8.28
C ARG A 183 22.17 9.46 -8.53
N LEU A 184 20.91 9.14 -8.24
CA LEU A 184 20.45 7.76 -8.46
C LEU A 184 20.40 7.43 -9.94
N SER A 185 20.02 8.40 -10.75
CA SER A 185 19.94 8.23 -12.20
C SER A 185 21.32 8.00 -12.82
N ALA A 186 22.36 8.42 -12.11
CA ALA A 186 23.73 8.27 -12.60
C ALA A 186 24.32 6.90 -12.29
N ARG A 187 23.68 6.13 -11.43
CA ARG A 187 24.18 4.79 -11.12
C ARG A 187 24.34 4.11 -12.47
N PRO A 188 25.53 3.57 -12.75
CA PRO A 188 25.85 2.89 -14.01
C PRO A 188 24.81 1.99 -14.68
N LYS A 189 24.34 0.95 -14.00
CA LYS A 189 23.36 0.06 -14.60
C LYS A 189 21.99 0.72 -14.80
N LEU A 190 21.62 1.62 -13.90
CA LEU A 190 20.34 2.32 -13.97
C LEU A 190 20.34 3.33 -15.11
N LYS A 191 21.44 4.07 -15.24
CA LYS A 191 21.59 5.07 -16.29
C LYS A 191 21.49 4.40 -17.64
N ALA A 192 22.15 3.25 -17.77
CA ALA A 192 22.13 2.49 -19.01
C ALA A 192 20.72 1.99 -19.31
N PHE A 193 20.01 1.53 -18.28
CA PHE A 193 18.65 1.03 -18.47
C PHE A 193 17.71 2.18 -18.87
N LEU A 194 17.83 3.30 -18.17
CA LEU A 194 16.98 4.45 -18.44
C LEU A 194 17.15 5.04 -19.84
N ALA A 195 18.30 4.77 -20.46
CA ALA A 195 18.58 5.28 -21.80
C ALA A 195 18.29 4.24 -22.88
N SER A 196 18.01 3.02 -22.45
CA SER A 196 17.72 1.93 -23.37
C SER A 196 16.32 2.09 -23.98
N PRO A 197 16.15 1.65 -25.24
CA PRO A 197 14.86 1.74 -25.93
C PRO A 197 13.77 0.97 -25.20
N GLU A 198 14.21 -0.04 -24.45
CA GLU A 198 13.36 -0.92 -23.66
C GLU A 198 12.56 -0.12 -22.63
N TYR A 199 13.07 1.06 -22.29
CA TYR A 199 12.44 1.96 -21.33
C TYR A 199 11.92 3.21 -22.03
N VAL A 200 12.78 3.83 -22.83
CA VAL A 200 12.46 5.08 -23.53
C VAL A 200 11.32 5.00 -24.53
N ASN A 201 11.24 3.88 -25.25
CA ASN A 201 10.20 3.73 -26.27
C ASN A 201 8.87 3.23 -25.73
N LEU A 202 8.77 3.16 -24.41
CA LEU A 202 7.54 2.73 -23.76
C LEU A 202 6.87 3.99 -23.23
N PRO A 203 5.53 4.10 -23.39
CA PRO A 203 4.88 5.30 -22.87
C PRO A 203 4.80 5.23 -21.34
N ILE A 204 4.71 6.38 -20.67
CA ILE A 204 4.62 6.37 -19.23
C ILE A 204 3.29 5.74 -18.83
N ASN A 205 2.22 6.17 -19.48
CA ASN A 205 0.88 5.65 -19.20
C ASN A 205 0.23 5.01 -20.42
N GLY A 206 -0.98 4.48 -20.27
CA GLY A 206 -1.64 3.83 -21.39
C GLY A 206 -2.65 4.63 -22.19
N ASN A 207 -2.90 5.88 -21.80
CA ASN A 207 -3.90 6.69 -22.51
C ASN A 207 -3.29 7.88 -23.27
N GLY A 208 -1.98 7.87 -23.42
CA GLY A 208 -1.32 8.94 -24.14
C GLY A 208 -1.17 10.25 -23.39
N LYS A 209 -1.38 10.23 -22.07
CA LYS A 209 -1.26 11.43 -21.26
C LYS A 209 -0.09 11.28 -20.30
N GLN A 210 0.52 12.41 -19.94
CA GLN A 210 1.68 12.42 -19.05
C GLN A 210 1.99 13.84 -18.56
N PRO B 3 6.93 1.67 24.95
CA PRO B 3 5.69 0.91 24.64
C PRO B 3 5.02 1.40 23.36
N TYR B 4 3.73 1.14 23.24
CA TYR B 4 2.97 1.54 22.06
C TYR B 4 1.95 2.65 22.29
N THR B 5 1.90 3.58 21.35
CA THR B 5 0.95 4.69 21.42
C THR B 5 0.36 4.94 20.01
N VAL B 6 -0.96 4.95 19.91
CA VAL B 6 -1.59 5.25 18.63
C VAL B 6 -2.28 6.60 18.77
N VAL B 7 -1.98 7.51 17.84
CA VAL B 7 -2.56 8.85 17.82
C VAL B 7 -3.56 8.89 16.68
N TYR B 8 -4.82 9.17 17.00
CA TYR B 8 -5.85 9.16 15.97
C TYR B 8 -7.13 9.89 16.40
N PHE B 9 -8.02 10.09 15.46
CA PHE B 9 -9.30 10.72 15.73
C PHE B 9 -10.14 9.65 16.41
N PRO B 10 -11.23 10.05 17.08
CA PRO B 10 -12.07 9.07 17.74
C PRO B 10 -12.95 8.28 16.77
N VAL B 11 -12.33 7.43 15.96
CA VAL B 11 -13.05 6.59 15.01
C VAL B 11 -12.27 5.30 14.87
N ARG B 12 -12.88 4.29 14.28
CA ARG B 12 -12.19 3.00 14.09
C ARG B 12 -11.29 3.17 12.88
N GLY B 13 -11.89 3.57 11.76
CA GLY B 13 -11.17 3.81 10.52
C GLY B 13 -9.95 2.95 10.25
N ARG B 14 -8.84 3.60 9.92
CA ARG B 14 -7.60 2.90 9.61
C ARG B 14 -6.82 2.41 10.82
N CYS B 15 -7.39 2.50 12.02
CA CYS B 15 -6.71 2.03 13.22
C CYS B 15 -7.33 0.76 13.79
N ALA B 16 -8.51 0.39 13.31
CA ALA B 16 -9.23 -0.79 13.77
C ALA B 16 -8.42 -2.08 13.65
N ALA B 17 -7.83 -2.31 12.48
CA ALA B 17 -7.06 -3.53 12.25
C ALA B 17 -5.85 -3.66 13.18
N LEU B 18 -5.06 -2.60 13.28
CA LEU B 18 -3.87 -2.63 14.15
C LEU B 18 -4.24 -2.76 15.62
N ARG B 19 -5.41 -2.22 15.99
CA ARG B 19 -5.89 -2.31 17.37
C ARG B 19 -6.28 -3.76 17.67
N MET B 20 -6.95 -4.39 16.71
CA MET B 20 -7.35 -5.80 16.87
C MET B 20 -6.10 -6.64 17.04
N LEU B 21 -5.08 -6.32 16.24
CA LEU B 21 -3.81 -7.03 16.27
C LEU B 21 -3.16 -6.97 17.65
N LEU B 22 -3.01 -5.75 18.17
CA LEU B 22 -2.40 -5.53 19.48
C LEU B 22 -3.19 -6.23 20.58
N ALA B 23 -4.51 -6.09 20.53
CA ALA B 23 -5.37 -6.72 21.54
C ALA B 23 -5.26 -8.25 21.48
N ASP B 24 -5.40 -8.81 20.29
CA ASP B 24 -5.33 -10.25 20.11
C ASP B 24 -3.97 -10.81 20.49
N GLN B 25 -2.91 -10.03 20.29
CA GLN B 25 -1.56 -10.48 20.60
C GLN B 25 -1.18 -10.21 22.06
N GLY B 26 -2.13 -9.70 22.83
CA GLY B 26 -1.89 -9.43 24.25
C GLY B 26 -0.97 -8.26 24.52
N GLN B 27 -0.88 -7.34 23.58
CA GLN B 27 -0.03 -6.17 23.75
C GLN B 27 -0.80 -5.00 24.40
N SER B 28 -0.07 -4.16 25.12
CA SER B 28 -0.69 -3.01 25.76
C SER B 28 -0.28 -1.78 24.98
N TRP B 29 -1.18 -0.81 24.90
CA TRP B 29 -0.89 0.43 24.19
C TRP B 29 -1.71 1.57 24.74
N LYS B 30 -1.29 2.79 24.44
CA LYS B 30 -2.00 3.98 24.89
C LYS B 30 -2.70 4.62 23.70
N GLU B 31 -3.90 5.11 23.91
CA GLU B 31 -4.64 5.77 22.86
C GLU B 31 -4.58 7.27 23.13
N GLU B 32 -4.11 8.03 22.15
CA GLU B 32 -4.04 9.47 22.27
C GLU B 32 -5.09 9.97 21.28
N VAL B 33 -6.24 10.37 21.81
CA VAL B 33 -7.34 10.85 20.99
C VAL B 33 -7.20 12.30 20.58
N VAL B 34 -7.29 12.53 19.28
CA VAL B 34 -7.18 13.87 18.72
C VAL B 34 -8.56 14.31 18.26
N THR B 35 -9.03 15.43 18.82
CA THR B 35 -10.33 15.98 18.47
C THR B 35 -10.23 16.86 17.23
N VAL B 36 -11.36 17.00 16.52
CA VAL B 36 -11.41 17.80 15.31
C VAL B 36 -10.95 19.23 15.56
N GLU B 37 -11.19 19.72 16.78
CA GLU B 37 -10.79 21.09 17.12
C GLU B 37 -9.28 21.17 17.23
N THR B 38 -8.69 20.24 17.99
CA THR B 38 -7.24 20.21 18.16
C THR B 38 -6.56 20.11 16.81
N TRP B 39 -7.11 19.28 15.92
CA TRP B 39 -6.53 19.12 14.59
C TRP B 39 -6.59 20.43 13.82
N GLN B 40 -7.77 21.04 13.78
CA GLN B 40 -7.97 22.29 13.05
C GLN B 40 -7.07 23.40 13.57
N GLU B 41 -6.43 23.17 14.71
CA GLU B 41 -5.53 24.19 15.25
C GLU B 41 -4.33 24.26 14.31
N GLY B 42 -3.97 23.12 13.76
CA GLY B 42 -2.87 23.06 12.81
C GLY B 42 -1.51 22.58 13.25
N SER B 43 -1.18 22.79 14.53
CA SER B 43 0.13 22.40 15.07
C SER B 43 0.49 20.92 14.95
N LEU B 44 -0.42 20.03 15.32
CA LEU B 44 -0.14 18.60 15.23
C LEU B 44 0.02 18.18 13.78
N LYS B 45 -0.95 18.57 12.95
CA LYS B 45 -0.95 18.24 11.52
C LYS B 45 0.34 18.64 10.82
N ALA B 46 0.86 19.83 11.13
CA ALA B 46 2.08 20.32 10.51
C ALA B 46 3.28 19.47 10.91
N SER B 47 3.19 18.81 12.05
CA SER B 47 4.29 17.99 12.54
C SER B 47 4.22 16.56 12.02
N CYS B 48 3.11 16.19 11.41
CA CYS B 48 2.93 14.84 10.85
C CYS B 48 3.62 14.79 9.50
N LEU B 49 4.40 13.74 9.24
CA LEU B 49 5.13 13.58 7.98
C LEU B 49 4.30 13.88 6.73
N TYR B 50 3.14 13.24 6.60
CA TYR B 50 2.28 13.46 5.45
C TYR B 50 1.03 14.28 5.81
N GLY B 51 1.11 15.00 6.92
CA GLY B 51 0.01 15.84 7.37
C GLY B 51 -1.27 15.10 7.73
N GLN B 52 -1.14 13.84 8.11
CA GLN B 52 -2.30 13.04 8.45
C GLN B 52 -2.05 12.07 9.61
N LEU B 53 -3.13 11.47 10.07
CA LEU B 53 -3.11 10.49 11.15
C LEU B 53 -3.62 9.21 10.50
N PRO B 54 -3.39 8.04 11.12
CA PRO B 54 -2.72 7.86 12.40
C PRO B 54 -1.21 8.08 12.47
N LYS B 55 -0.77 8.35 13.70
CA LYS B 55 0.63 8.54 14.03
C LYS B 55 0.82 7.42 15.05
N PHE B 56 1.97 6.76 15.02
CA PHE B 56 2.21 5.64 15.93
C PHE B 56 3.58 5.76 16.58
N GLN B 57 3.66 5.40 17.85
CA GLN B 57 4.93 5.46 18.56
C GLN B 57 5.28 4.14 19.21
N ASP B 58 6.51 3.70 18.96
CA ASP B 58 7.03 2.46 19.51
C ASP B 58 8.37 2.87 20.13
N GLY B 59 8.40 3.12 21.43
CA GLY B 59 9.64 3.55 22.04
C GLY B 59 10.00 4.90 21.43
N ASP B 60 11.24 5.06 20.98
CA ASP B 60 11.63 6.32 20.38
C ASP B 60 11.38 6.34 18.87
N LEU B 61 10.77 5.26 18.37
CA LEU B 61 10.45 5.13 16.95
C LEU B 61 9.07 5.73 16.68
N THR B 62 9.00 6.67 15.74
CA THR B 62 7.74 7.28 15.40
C THR B 62 7.40 6.85 13.98
N LEU B 63 6.16 6.43 13.77
CA LEU B 63 5.71 5.96 12.47
C LEU B 63 4.42 6.63 12.00
N TYR B 64 4.23 6.64 10.68
CA TYR B 64 3.03 7.18 10.06
C TYR B 64 2.61 6.15 9.02
N GLN B 65 1.39 6.27 8.48
CA GLN B 65 0.85 5.33 7.49
C GLN B 65 0.38 4.04 8.15
N SER B 66 -0.94 3.84 8.15
CA SER B 66 -1.56 2.66 8.76
C SER B 66 -0.96 1.30 8.39
N ASN B 67 -0.59 1.12 7.12
CA ASN B 67 -0.02 -0.16 6.68
C ASN B 67 1.43 -0.34 7.12
N THR B 68 2.12 0.77 7.41
CA THR B 68 3.49 0.72 7.86
C THR B 68 3.44 0.22 9.31
N ILE B 69 2.47 0.72 10.06
CA ILE B 69 2.30 0.31 11.45
C ILE B 69 1.95 -1.18 11.53
N LEU B 70 1.10 -1.63 10.60
CA LEU B 70 0.69 -3.03 10.55
C LEU B 70 1.90 -3.92 10.22
N ARG B 71 2.68 -3.52 9.22
CA ARG B 71 3.85 -4.31 8.85
C ARG B 71 4.91 -4.29 9.94
N HIS B 72 5.03 -3.17 10.64
CA HIS B 72 6.00 -3.05 11.72
C HIS B 72 5.64 -4.02 12.83
N LEU B 73 4.37 -4.02 13.23
CA LEU B 73 3.88 -4.91 14.28
C LEU B 73 4.00 -6.36 13.79
N GLY B 74 3.69 -6.57 12.52
CA GLY B 74 3.78 -7.91 11.98
C GLY B 74 5.22 -8.42 11.99
N ARG B 75 6.15 -7.56 11.63
CA ARG B 75 7.56 -7.91 11.60
C ARG B 75 8.11 -8.18 12.99
N THR B 76 7.84 -7.28 13.92
CA THR B 76 8.35 -7.41 15.28
C THR B 76 7.65 -8.43 16.16
N LEU B 77 6.38 -8.73 15.87
CA LEU B 77 5.62 -9.71 16.66
C LEU B 77 5.52 -11.11 16.02
N GLY B 78 6.16 -11.28 14.86
CA GLY B 78 6.12 -12.58 14.19
C GLY B 78 4.83 -12.92 13.47
N LEU B 79 4.16 -11.91 12.90
CA LEU B 79 2.92 -12.11 12.17
C LEU B 79 3.12 -11.68 10.72
N TYR B 80 4.19 -12.19 10.12
CA TYR B 80 4.53 -11.85 8.73
C TYR B 80 4.95 -13.09 7.93
N GLY B 81 4.27 -14.21 8.13
CA GLY B 81 4.60 -15.42 7.40
C GLY B 81 5.79 -16.16 7.99
N LYS B 82 5.97 -17.43 7.60
CA LYS B 82 7.06 -18.23 8.13
C LYS B 82 8.36 -18.10 7.33
N ASP B 83 8.24 -17.65 6.09
CA ASP B 83 9.41 -17.48 5.23
C ASP B 83 9.14 -16.35 4.24
N GLN B 84 10.12 -16.09 3.38
CA GLN B 84 9.99 -15.02 2.39
C GLN B 84 8.85 -15.22 1.41
N GLN B 85 8.57 -16.46 1.05
CA GLN B 85 7.49 -16.75 0.14
C GLN B 85 6.15 -16.40 0.77
N GLU B 86 5.97 -16.77 2.04
CA GLU B 86 4.73 -16.46 2.74
C GLU B 86 4.63 -14.96 3.00
N ALA B 87 5.77 -14.34 3.28
CA ALA B 87 5.80 -12.90 3.52
C ALA B 87 5.26 -12.17 2.28
N ALA B 88 5.62 -12.66 1.09
CA ALA B 88 5.18 -12.02 -0.14
C ALA B 88 3.66 -12.23 -0.35
N LEU B 89 3.17 -13.40 0.02
CA LEU B 89 1.75 -13.69 -0.11
C LEU B 89 0.95 -12.83 0.85
N VAL B 90 1.52 -12.55 2.01
CA VAL B 90 0.88 -11.73 3.03
C VAL B 90 0.75 -10.30 2.49
N ASP B 91 1.79 -9.85 1.81
CA ASP B 91 1.81 -8.51 1.24
C ASP B 91 0.74 -8.45 0.14
N MET B 92 0.69 -9.48 -0.69
CA MET B 92 -0.27 -9.54 -1.78
C MET B 92 -1.70 -9.44 -1.24
N VAL B 93 -1.95 -10.08 -0.11
CA VAL B 93 -3.27 -10.02 0.51
C VAL B 93 -3.53 -8.60 1.04
N ASN B 94 -2.59 -8.06 1.82
CA ASN B 94 -2.75 -6.73 2.38
C ASN B 94 -2.90 -5.62 1.33
N ASP B 95 -2.16 -5.73 0.23
CA ASP B 95 -2.26 -4.72 -0.83
C ASP B 95 -3.65 -4.78 -1.45
N GLY B 96 -4.20 -5.99 -1.53
CA GLY B 96 -5.53 -6.16 -2.07
C GLY B 96 -6.54 -5.60 -1.09
N VAL B 97 -6.31 -5.81 0.20
CA VAL B 97 -7.19 -5.29 1.24
C VAL B 97 -7.16 -3.76 1.18
N GLU B 98 -5.97 -3.20 1.00
CA GLU B 98 -5.82 -1.76 0.94
C GLU B 98 -6.57 -1.18 -0.26
N ASP B 99 -6.46 -1.85 -1.40
CA ASP B 99 -7.13 -1.39 -2.61
C ASP B 99 -8.64 -1.22 -2.41
N LEU B 100 -9.26 -2.23 -1.80
CA LEU B 100 -10.69 -2.17 -1.57
C LEU B 100 -11.02 -1.18 -0.45
N ARG B 101 -10.14 -1.06 0.53
CA ARG B 101 -10.40 -0.12 1.62
C ARG B 101 -10.46 1.30 1.07
N CYS B 102 -9.61 1.59 0.09
CA CYS B 102 -9.57 2.92 -0.51
C CYS B 102 -10.86 3.22 -1.24
N LYS B 103 -11.44 2.20 -1.87
CA LYS B 103 -12.70 2.38 -2.57
C LYS B 103 -13.83 2.58 -1.55
N TYR B 104 -13.74 1.82 -0.46
CA TYR B 104 -14.74 1.92 0.61
C TYR B 104 -14.67 3.33 1.20
N ILE B 105 -13.46 3.79 1.48
CA ILE B 105 -13.26 5.13 2.05
C ILE B 105 -13.75 6.21 1.08
N SER B 106 -13.49 6.03 -0.21
CA SER B 106 -13.94 7.01 -1.18
C SER B 106 -15.46 7.09 -1.22
N LEU B 107 -16.13 5.94 -1.17
CA LEU B 107 -17.59 5.92 -1.19
C LEU B 107 -18.16 6.60 0.06
N ILE B 108 -17.67 6.19 1.23
CA ILE B 108 -18.14 6.73 2.49
C ILE B 108 -18.03 8.24 2.62
N TYR B 109 -16.86 8.77 2.29
CA TYR B 109 -16.60 10.21 2.42
C TYR B 109 -16.82 11.07 1.17
N THR B 110 -16.85 10.44 -0.01
CA THR B 110 -16.97 11.17 -1.27
C THR B 110 -18.30 11.17 -2.01
N ASN B 111 -19.04 10.07 -1.93
CA ASN B 111 -20.34 10.00 -2.57
C ASN B 111 -21.15 8.78 -2.15
N TYR B 112 -21.44 8.71 -0.85
CA TYR B 112 -22.21 7.62 -0.28
C TYR B 112 -23.58 7.45 -0.94
N GLU B 113 -24.39 8.50 -0.91
CA GLU B 113 -25.73 8.45 -1.46
C GLU B 113 -25.83 8.02 -2.93
N ALA B 114 -25.06 8.66 -3.80
CA ALA B 114 -25.10 8.35 -5.22
C ALA B 114 -24.31 7.11 -5.66
N GLY B 115 -23.27 6.75 -4.91
CA GLY B 115 -22.45 5.62 -5.29
C GLY B 115 -22.71 4.28 -4.63
N LYS B 116 -23.44 4.28 -3.51
CA LYS B 116 -23.72 3.05 -2.78
C LYS B 116 -24.24 1.87 -3.61
N ASP B 117 -25.28 2.09 -4.41
CA ASP B 117 -25.86 1.03 -5.23
C ASP B 117 -24.85 0.36 -6.16
N ASP B 118 -24.06 1.18 -6.85
CA ASP B 118 -23.06 0.66 -7.78
C ASP B 118 -21.98 -0.09 -7.01
N TYR B 119 -21.58 0.46 -5.87
CA TYR B 119 -20.56 -0.14 -5.04
C TYR B 119 -20.96 -1.54 -4.57
N VAL B 120 -22.18 -1.65 -4.06
CA VAL B 120 -22.68 -2.92 -3.55
C VAL B 120 -22.85 -3.95 -4.66
N LYS B 121 -23.20 -3.49 -5.86
CA LYS B 121 -23.38 -4.40 -6.99
C LYS B 121 -22.02 -5.01 -7.38
N ALA B 122 -20.97 -4.20 -7.26
CA ALA B 122 -19.61 -4.61 -7.60
C ALA B 122 -18.88 -5.36 -6.49
N LEU B 123 -19.44 -5.33 -5.28
CA LEU B 123 -18.83 -5.97 -4.11
C LEU B 123 -18.49 -7.45 -4.25
N PRO B 124 -19.45 -8.27 -4.69
CA PRO B 124 -19.12 -9.69 -4.82
C PRO B 124 -17.80 -9.94 -5.56
N GLY B 125 -17.63 -9.28 -6.70
CA GLY B 125 -16.41 -9.44 -7.48
C GLY B 125 -15.18 -8.95 -6.74
N GLN B 126 -15.37 -8.00 -5.82
CA GLN B 126 -14.27 -7.45 -5.03
C GLN B 126 -13.89 -8.36 -3.87
N LEU B 127 -14.83 -9.18 -3.41
CA LEU B 127 -14.57 -10.10 -2.31
C LEU B 127 -14.13 -11.48 -2.76
N LYS B 128 -14.53 -11.87 -3.96
CA LYS B 128 -14.16 -13.17 -4.53
C LYS B 128 -12.68 -13.54 -4.37
N PRO B 129 -11.75 -12.58 -4.64
CA PRO B 129 -10.32 -12.90 -4.51
C PRO B 129 -9.91 -13.47 -3.15
N PHE B 130 -10.47 -12.93 -2.08
CA PHE B 130 -10.13 -13.38 -0.74
C PHE B 130 -10.72 -14.75 -0.43
N GLU B 131 -11.85 -15.07 -1.03
CA GLU B 131 -12.48 -16.37 -0.85
C GLU B 131 -11.59 -17.38 -1.56
N THR B 132 -11.14 -17.01 -2.76
CA THR B 132 -10.26 -17.87 -3.56
C THR B 132 -8.97 -18.11 -2.82
N LEU B 133 -8.40 -17.07 -2.24
CA LEU B 133 -7.16 -17.19 -1.47
C LEU B 133 -7.35 -18.22 -0.35
N LEU B 134 -8.47 -18.11 0.36
CA LEU B 134 -8.78 -19.05 1.45
C LEU B 134 -8.94 -20.48 0.88
N SER B 135 -9.64 -20.61 -0.23
CA SER B 135 -9.85 -21.92 -0.84
C SER B 135 -8.54 -22.63 -1.24
N GLN B 136 -7.47 -21.88 -1.38
CA GLN B 136 -6.19 -22.46 -1.78
C GLN B 136 -5.23 -22.69 -0.62
N ASN B 137 -5.67 -22.35 0.59
CA ASN B 137 -4.85 -22.53 1.77
C ASN B 137 -5.53 -23.42 2.81
N GLN B 138 -5.30 -24.72 2.71
CA GLN B 138 -5.87 -25.70 3.64
C GLN B 138 -7.39 -25.64 3.70
N GLY B 139 -8.01 -25.49 2.53
CA GLY B 139 -9.46 -25.44 2.46
C GLY B 139 -10.10 -24.26 3.17
N GLY B 140 -9.28 -23.26 3.51
CA GLY B 140 -9.77 -22.08 4.19
C GLY B 140 -10.09 -22.33 5.64
N LYS B 141 -9.45 -23.35 6.21
CA LYS B 141 -9.68 -23.72 7.61
C LYS B 141 -8.79 -23.02 8.60
N THR B 142 -7.78 -22.31 8.13
CA THR B 142 -6.87 -21.62 9.04
C THR B 142 -6.85 -20.11 8.86
N PHE B 143 -5.79 -19.61 8.23
CA PHE B 143 -5.66 -18.18 8.01
C PHE B 143 -5.57 -17.83 6.54
N ILE B 144 -5.48 -16.55 6.22
CA ILE B 144 -5.43 -16.14 4.83
C ILE B 144 -4.16 -16.63 4.14
N VAL B 145 -3.06 -16.71 4.89
CA VAL B 145 -1.79 -17.20 4.35
C VAL B 145 -1.10 -18.09 5.40
N GLY B 146 -0.73 -19.29 4.99
CA GLY B 146 -0.06 -20.21 5.89
C GLY B 146 -0.95 -20.71 7.01
N ASP B 147 -0.33 -21.29 8.04
CA ASP B 147 -1.09 -21.82 9.16
C ASP B 147 -0.93 -21.02 10.44
N GLN B 148 -0.41 -19.79 10.30
CA GLN B 148 -0.23 -18.91 11.44
C GLN B 148 -0.82 -17.55 11.06
N ILE B 149 -1.36 -16.83 12.04
CA ILE B 149 -1.98 -15.54 11.78
C ILE B 149 -0.93 -14.50 11.34
N SER B 150 -1.37 -13.53 10.53
CA SER B 150 -0.47 -12.48 10.05
C SER B 150 -1.20 -11.15 10.13
N PHE B 151 -0.47 -10.05 10.01
CA PHE B 151 -1.10 -8.74 10.07
C PHE B 151 -2.18 -8.55 9.00
N ALA B 152 -2.04 -9.24 7.88
CA ALA B 152 -3.01 -9.14 6.80
C ALA B 152 -4.35 -9.74 7.21
N ASP B 153 -4.32 -10.66 8.18
CA ASP B 153 -5.54 -11.30 8.68
C ASP B 153 -6.41 -10.27 9.41
N TYR B 154 -5.78 -9.49 10.27
CA TYR B 154 -6.46 -8.47 11.05
C TYR B 154 -6.99 -7.39 10.10
N ASN B 155 -6.21 -7.04 9.09
CA ASN B 155 -6.66 -6.04 8.14
C ASN B 155 -7.82 -6.57 7.29
N LEU B 156 -7.73 -7.81 6.81
CA LEU B 156 -8.80 -8.36 6.01
C LEU B 156 -10.08 -8.54 6.85
N LEU B 157 -9.90 -8.98 8.09
CA LEU B 157 -11.04 -9.18 8.98
C LEU B 157 -11.80 -7.88 9.15
N ASP B 158 -11.08 -6.79 9.38
CA ASP B 158 -11.75 -5.50 9.54
C ASP B 158 -12.48 -5.14 8.26
N LEU B 159 -11.81 -5.33 7.13
CA LEU B 159 -12.43 -5.03 5.84
C LEU B 159 -13.77 -5.76 5.72
N LEU B 160 -13.77 -7.05 6.05
CA LEU B 160 -14.99 -7.85 5.97
C LEU B 160 -16.05 -7.39 6.97
N LEU B 161 -15.63 -7.08 8.19
CA LEU B 161 -16.57 -6.63 9.22
C LEU B 161 -17.29 -5.35 8.77
N ILE B 162 -16.54 -4.33 8.35
CA ILE B 162 -17.18 -3.09 7.93
C ILE B 162 -18.05 -3.21 6.69
N HIS B 163 -17.76 -4.19 5.85
CA HIS B 163 -18.57 -4.35 4.65
C HIS B 163 -19.89 -5.04 4.97
N GLU B 164 -19.90 -5.81 6.06
CA GLU B 164 -21.11 -6.50 6.48
C GLU B 164 -22.09 -5.47 7.01
N VAL B 165 -21.56 -4.36 7.52
CA VAL B 165 -22.39 -3.26 8.04
C VAL B 165 -22.91 -2.46 6.85
N LEU B 166 -22.04 -2.26 5.86
CA LEU B 166 -22.41 -1.50 4.67
C LEU B 166 -23.41 -2.25 3.80
N ALA B 167 -23.20 -3.56 3.67
CA ALA B 167 -24.05 -4.41 2.85
C ALA B 167 -24.32 -5.72 3.56
N PRO B 168 -25.25 -5.72 4.53
CA PRO B 168 -25.57 -6.95 5.27
C PRO B 168 -25.74 -8.16 4.34
N GLY B 169 -25.18 -9.30 4.77
CA GLY B 169 -25.30 -10.50 3.97
C GLY B 169 -24.36 -10.62 2.78
N CYS B 170 -23.42 -9.70 2.64
CA CYS B 170 -22.48 -9.77 1.52
C CYS B 170 -21.60 -11.01 1.59
N LEU B 171 -21.45 -11.59 2.78
CA LEU B 171 -20.61 -12.77 2.94
C LEU B 171 -21.37 -14.09 2.77
N ASP B 172 -22.69 -14.03 2.73
CA ASP B 172 -23.49 -15.24 2.62
C ASP B 172 -23.09 -16.19 1.50
N ALA B 173 -22.77 -15.64 0.35
CA ALA B 173 -22.38 -16.44 -0.81
C ALA B 173 -20.96 -16.96 -0.69
N PHE B 174 -20.25 -16.53 0.35
CA PHE B 174 -18.86 -16.93 0.55
C PHE B 174 -18.71 -17.72 1.84
N PRO B 175 -18.79 -19.05 1.75
CA PRO B 175 -18.69 -19.90 2.94
C PRO B 175 -17.35 -19.82 3.65
N LEU B 176 -16.29 -19.67 2.88
CA LEU B 176 -14.98 -19.61 3.51
C LEU B 176 -14.77 -18.31 4.26
N LEU B 177 -15.11 -17.20 3.61
CA LEU B 177 -14.95 -15.89 4.25
C LEU B 177 -15.86 -15.78 5.47
N SER B 178 -17.07 -16.34 5.35
CA SER B 178 -18.05 -16.31 6.43
C SER B 178 -17.51 -17.02 7.67
N ALA B 179 -17.06 -18.25 7.48
CA ALA B 179 -16.52 -19.03 8.58
C ALA B 179 -15.26 -18.40 9.14
N TYR B 180 -14.47 -17.79 8.27
CA TYR B 180 -13.23 -17.14 8.65
C TYR B 180 -13.51 -15.98 9.61
N VAL B 181 -14.53 -15.19 9.29
CA VAL B 181 -14.89 -14.06 10.14
C VAL B 181 -15.33 -14.56 11.52
N GLY B 182 -16.20 -15.57 11.52
CA GLY B 182 -16.68 -16.13 12.77
C GLY B 182 -15.57 -16.76 13.59
N ARG B 183 -14.67 -17.46 12.92
CA ARG B 183 -13.55 -18.12 13.58
C ARG B 183 -12.55 -17.14 14.19
N LEU B 184 -12.11 -16.15 13.42
CA LEU B 184 -11.15 -15.18 13.94
C LEU B 184 -11.78 -14.31 15.04
N SER B 185 -13.05 -13.97 14.85
CA SER B 185 -13.78 -13.16 15.81
C SER B 185 -13.95 -13.89 17.15
N ALA B 186 -13.87 -15.22 17.11
CA ALA B 186 -14.02 -16.03 18.32
C ALA B 186 -12.75 -16.14 19.14
N ARG B 187 -11.61 -15.76 18.56
CA ARG B 187 -10.35 -15.83 19.31
C ARG B 187 -10.62 -15.07 20.60
N PRO B 188 -10.36 -15.71 21.75
CA PRO B 188 -10.58 -15.10 23.07
C PRO B 188 -10.27 -13.62 23.31
N LYS B 189 -9.03 -13.19 23.09
CA LYS B 189 -8.69 -11.79 23.32
C LYS B 189 -9.34 -10.85 22.32
N LEU B 190 -9.52 -11.31 21.08
CA LEU B 190 -10.13 -10.50 20.02
C LEU B 190 -11.62 -10.31 20.28
N LYS B 191 -12.27 -11.41 20.65
CA LYS B 191 -13.71 -11.41 20.94
C LYS B 191 -13.98 -10.44 22.09
N ALA B 192 -13.14 -10.49 23.11
CA ALA B 192 -13.27 -9.61 24.26
C ALA B 192 -13.06 -8.15 23.86
N PHE B 193 -12.10 -7.90 22.97
CA PHE B 193 -11.82 -6.54 22.53
C PHE B 193 -12.96 -6.01 21.67
N LEU B 194 -13.44 -6.83 20.76
CA LEU B 194 -14.51 -6.44 19.87
C LEU B 194 -15.83 -6.15 20.60
N ALA B 195 -15.99 -6.69 21.81
CA ALA B 195 -17.20 -6.46 22.59
C ALA B 195 -17.02 -5.34 23.61
N SER B 196 -15.79 -4.86 23.75
CA SER B 196 -15.49 -3.80 24.69
C SER B 196 -15.99 -2.45 24.18
N PRO B 197 -16.38 -1.56 25.09
CA PRO B 197 -16.88 -0.23 24.72
C PRO B 197 -15.86 0.61 23.95
N GLU B 198 -14.58 0.37 24.17
CA GLU B 198 -13.55 1.14 23.50
C GLU B 198 -13.59 0.88 21.99
N TYR B 199 -14.20 -0.23 21.61
CA TYR B 199 -14.32 -0.55 20.20
C TYR B 199 -15.75 -0.27 19.75
N VAL B 200 -16.71 -0.80 20.49
CA VAL B 200 -18.12 -0.66 20.15
C VAL B 200 -18.68 0.77 20.16
N ASN B 201 -18.23 1.58 21.11
CA ASN B 201 -18.73 2.95 21.20
C ASN B 201 -18.00 3.95 20.30
N LEU B 202 -17.15 3.43 19.44
CA LEU B 202 -16.42 4.26 18.50
C LEU B 202 -17.10 4.10 17.15
N PRO B 203 -17.30 5.21 16.41
CA PRO B 203 -17.94 5.06 15.09
C PRO B 203 -16.96 4.42 14.11
N ILE B 204 -17.48 3.75 13.08
CA ILE B 204 -16.60 3.14 12.10
C ILE B 204 -15.86 4.26 11.35
N ASN B 205 -16.60 5.27 10.92
CA ASN B 205 -16.03 6.39 10.19
C ASN B 205 -16.26 7.74 10.90
N GLY B 206 -15.76 8.82 10.32
CA GLY B 206 -15.91 10.11 10.97
C GLY B 206 -17.03 11.02 10.49
N ASN B 207 -17.80 10.59 9.49
CA ASN B 207 -18.88 11.43 8.97
C ASN B 207 -20.27 10.87 9.24
N GLY B 208 -20.35 9.88 10.13
CA GLY B 208 -21.64 9.31 10.46
C GLY B 208 -22.23 8.36 9.43
N LYS B 209 -21.42 7.92 8.49
CA LYS B 209 -21.89 7.00 7.47
C LYS B 209 -21.18 5.65 7.61
N GLN B 210 -21.87 4.59 7.21
CA GLN B 210 -21.32 3.23 7.31
C GLN B 210 -22.16 2.25 6.50
#